data_3TZT
#
_entry.id   3TZT
#
_cell.length_a   42.498
_cell.length_b   99.331
_cell.length_c   122.794
_cell.angle_alpha   90.00
_cell.angle_beta   90.00
_cell.angle_gamma   90.00
#
_symmetry.space_group_name_H-M   'P 21 21 21'
#
loop_
_entity.id
_entity.type
_entity.pdbx_description
1 polymer 'Glycosyl transferase family 8'
2 non-polymer 1,2-ETHANEDIOL
3 non-polymer 'CITRIC ACID'
4 water water
#
_entity_poly.entity_id   1
_entity_poly.type   'polypeptide(L)'
_entity_poly.pdbx_seq_one_letter_code
;SNA(MSE)ADALLLTLDENYIPQ(MSE)KVL(MSE)TSIYINNPGRIFDVYLIHSRISEDKLKDLGEDLKKFSYTLYPIR
ATDDLFSFAKVTDRYPKE(MSE)YYRLLAGEFLPENLGEILYLDPD(MSE)LVINPLDDLLRTDISDYILAAASHTGKTD
(MSE)ANNVNRIRLGTDTDYYNSGLLLINLKRAREEIDPDEIFSFVEDNH(MSE)NLLLPDQDILNA(MSE)YGDRIYPL
DDLIYNYDARNYSSYLIRSKKQADLAWL(MSE)DHTVVLHFCGRDKPWKKNHRNKFTSLYKHY(MSE)SLTKRYLA
;
_entity_poly.pdbx_strand_id   A,B
#
loop_
_chem_comp.id
_chem_comp.type
_chem_comp.name
_chem_comp.formula
CIT non-polymer 'CITRIC ACID' 'C6 H8 O7'
EDO non-polymer 1,2-ETHANEDIOL 'C2 H6 O2'
#
# COMPACT_ATOMS: atom_id res chain seq x y z
N ALA A 3 -7.49 28.84 0.18
CA ALA A 3 -6.68 27.59 0.08
C ALA A 3 -7.45 26.39 0.65
N MSE A 4 -8.05 25.63 -0.26
CA MSE A 4 -8.70 24.34 0.07
C MSE A 4 -7.84 23.14 -0.38
O MSE A 4 -8.17 21.97 -0.12
CB MSE A 4 -9.98 24.24 -0.71
CG MSE A 4 -9.71 23.87 -2.18
SE MSE A 4 -11.32 23.41 -3.07
CE MSE A 4 -12.00 25.23 -3.17
N ALA A 5 -6.84 23.45 -1.20
CA ALA A 5 -5.92 22.47 -1.69
C ALA A 5 -4.52 22.91 -1.24
N ASP A 6 -3.74 21.97 -0.77
CA ASP A 6 -2.34 22.17 -0.59
C ASP A 6 -1.62 22.06 -1.92
N ALA A 7 -0.49 22.74 -2.06
CA ALA A 7 0.27 22.74 -3.29
C ALA A 7 1.49 21.86 -3.18
N LEU A 8 1.76 21.13 -4.26
CA LEU A 8 2.95 20.31 -4.48
C LEU A 8 3.69 20.80 -5.69
N LEU A 9 5.02 20.71 -5.63
CA LEU A 9 5.88 21.09 -6.72
C LEU A 9 6.76 19.89 -7.16
N LEU A 10 6.82 19.66 -8.47
CA LEU A 10 7.75 18.72 -9.04
C LEU A 10 8.49 19.42 -10.18
N THR A 11 9.75 19.04 -10.37
CA THR A 11 10.55 19.63 -11.44
C THR A 11 11.21 18.45 -12.17
N LEU A 12 10.69 18.07 -13.30
CA LEU A 12 11.18 16.89 -13.99
C LEU A 12 10.80 16.92 -15.44
N ASP A 13 11.39 16.01 -16.21
N ASP A 13 11.42 16.03 -16.23
CA ASP A 13 10.92 15.83 -17.56
CA ASP A 13 10.96 15.82 -17.61
C ASP A 13 10.37 14.41 -17.74
C ASP A 13 10.30 14.45 -17.73
N GLU A 14 9.96 14.07 -18.95
CA GLU A 14 8.98 12.99 -19.11
C GLU A 14 9.49 11.62 -18.76
N ASN A 15 10.80 11.42 -18.68
CA ASN A 15 11.29 10.13 -18.25
C ASN A 15 10.93 9.78 -16.79
N TYR A 16 10.63 10.79 -15.96
CA TYR A 16 10.26 10.53 -14.57
C TYR A 16 8.75 10.49 -14.34
N ILE A 17 7.97 10.67 -15.40
CA ILE A 17 6.53 10.67 -15.22
C ILE A 17 6.02 9.36 -14.56
N PRO A 18 6.51 8.18 -15.02
CA PRO A 18 6.06 6.94 -14.37
C PRO A 18 6.26 6.98 -12.87
N GLN A 19 7.42 7.47 -12.42
CA GLN A 19 7.72 7.55 -10.99
C GLN A 19 6.86 8.61 -10.26
N MSE A 20 6.62 9.74 -10.92
CA MSE A 20 5.72 10.77 -10.37
C MSE A 20 4.31 10.22 -10.11
O MSE A 20 3.68 10.54 -9.08
CB MSE A 20 5.66 11.96 -11.31
CG MSE A 20 4.69 13.04 -10.86
SE MSE A 20 4.67 14.56 -12.10
CE MSE A 20 3.12 15.49 -11.32
N LYS A 21 3.81 9.37 -11.02
CA LYS A 21 2.47 8.79 -10.86
C LYS A 21 2.39 7.81 -9.66
N VAL A 22 3.47 7.08 -9.41
CA VAL A 22 3.56 6.20 -8.26
C VAL A 22 3.57 7.06 -6.98
N LEU A 23 4.36 8.12 -6.97
CA LEU A 23 4.38 9.06 -5.88
C LEU A 23 2.97 9.62 -5.63
N MSE A 24 2.28 10.06 -6.68
CA MSE A 24 0.94 10.63 -6.52
C MSE A 24 -0.04 9.61 -5.92
O MSE A 24 -0.89 9.93 -5.06
CB MSE A 24 0.41 11.13 -7.83
CG MSE A 24 1.15 12.33 -8.38
SE MSE A 24 1.09 13.89 -7.24
CE MSE A 24 2.98 13.98 -6.86
N THR A 25 0.03 8.39 -6.43
CA THR A 25 -0.80 7.28 -5.94
C THR A 25 -0.53 7.02 -4.45
N SER A 26 0.72 7.02 -4.02
CA SER A 26 1.05 6.81 -2.61
C SER A 26 0.51 7.96 -1.74
N ILE A 27 0.56 9.17 -2.28
CA ILE A 27 -0.01 10.31 -1.57
C ILE A 27 -1.54 10.17 -1.41
N TYR A 28 -2.21 9.78 -2.48
CA TYR A 28 -3.65 9.56 -2.46
C TYR A 28 -4.09 8.47 -1.45
N ILE A 29 -3.42 7.33 -1.43
CA ILE A 29 -3.79 6.24 -0.58
C ILE A 29 -3.51 6.66 0.85
N ASN A 30 -2.42 7.39 1.08
CA ASN A 30 -2.05 7.74 2.47
C ASN A 30 -2.61 9.06 3.04
N ASN A 31 -3.34 9.81 2.20
CA ASN A 31 -3.96 11.04 2.61
C ASN A 31 -5.40 11.08 2.10
N PRO A 32 -6.25 10.12 2.52
CA PRO A 32 -7.58 10.05 1.93
C PRO A 32 -8.37 11.31 2.20
N GLY A 33 -9.07 11.81 1.19
CA GLY A 33 -9.90 13.02 1.32
C GLY A 33 -9.17 14.32 1.08
N ARG A 34 -7.84 14.32 1.04
CA ARG A 34 -7.13 15.58 0.81
C ARG A 34 -6.99 15.84 -0.66
N ILE A 35 -7.00 17.12 -1.03
CA ILE A 35 -6.95 17.59 -2.40
C ILE A 35 -5.62 18.26 -2.56
N PHE A 36 -4.93 18.00 -3.67
CA PHE A 36 -3.71 18.70 -3.96
C PHE A 36 -3.75 19.37 -5.35
N ASP A 37 -3.14 20.55 -5.43
CA ASP A 37 -2.76 21.20 -6.65
C ASP A 37 -1.30 20.84 -6.94
N VAL A 38 -0.98 20.37 -8.14
CA VAL A 38 0.35 19.86 -8.42
C VAL A 38 0.94 20.70 -9.54
N TYR A 39 1.93 21.50 -9.19
CA TYR A 39 2.64 22.38 -10.11
C TYR A 39 3.86 21.59 -10.62
N LEU A 40 4.03 21.59 -11.93
CA LEU A 40 5.08 20.81 -12.58
C LEU A 40 5.88 21.74 -13.48
N ILE A 41 7.11 22.02 -13.09
CA ILE A 41 8.00 22.84 -13.89
C ILE A 41 8.83 21.87 -14.76
N HIS A 42 8.77 22.09 -16.06
CA HIS A 42 9.43 21.20 -16.99
C HIS A 42 9.95 22.00 -18.14
N SER A 43 10.85 21.43 -18.93
CA SER A 43 11.32 22.15 -20.08
C SER A 43 10.72 21.65 -21.41
N ARG A 44 10.46 20.36 -21.59
CA ARG A 44 10.14 19.78 -22.92
CA ARG A 44 10.13 19.79 -22.93
C ARG A 44 8.99 18.76 -22.94
N ILE A 45 8.22 18.64 -21.87
CA ILE A 45 7.17 17.66 -21.90
C ILE A 45 6.10 18.08 -22.91
N SER A 46 5.76 17.21 -23.87
CA SER A 46 4.69 17.52 -24.84
C SER A 46 3.31 17.78 -24.24
N GLU A 47 2.53 18.58 -24.97
CA GLU A 47 1.20 18.92 -24.57
C GLU A 47 0.30 17.68 -24.46
N ASP A 48 0.45 16.70 -25.35
CA ASP A 48 -0.30 15.44 -25.20
C ASP A 48 0.03 14.66 -23.94
N LYS A 49 1.31 14.58 -23.57
CA LYS A 49 1.68 13.89 -22.33
C LYS A 49 1.16 14.62 -21.07
N LEU A 50 1.17 15.93 -21.12
CA LEU A 50 0.67 16.74 -19.99
C LEU A 50 -0.85 16.62 -19.88
N LYS A 51 -1.51 16.55 -21.01
CA LYS A 51 -2.96 16.31 -21.03
C LYS A 51 -3.28 14.97 -20.39
N ASP A 52 -2.54 13.92 -20.76
CA ASP A 52 -2.66 12.56 -20.18
CA ASP A 52 -2.83 12.61 -20.17
C ASP A 52 -2.47 12.55 -18.69
N LEU A 53 -1.38 13.19 -18.28
CA LEU A 53 -1.02 13.23 -16.87
C LEU A 53 -2.07 13.99 -16.05
N GLY A 54 -2.53 15.13 -16.58
CA GLY A 54 -3.65 15.91 -16.02
C GLY A 54 -4.94 15.14 -15.86
N GLU A 55 -5.33 14.39 -16.90
CA GLU A 55 -6.50 13.52 -16.84
CA GLU A 55 -6.49 13.50 -16.83
C GLU A 55 -6.30 12.42 -15.76
N ASP A 56 -5.09 11.85 -15.67
CA ASP A 56 -4.86 10.85 -14.62
C ASP A 56 -4.99 11.41 -13.18
N LEU A 57 -4.33 12.53 -12.92
CA LEU A 57 -4.37 13.15 -11.60
C LEU A 57 -5.76 13.54 -11.16
N LYS A 58 -6.59 13.92 -12.15
CA LYS A 58 -7.96 14.31 -11.90
C LYS A 58 -8.80 13.15 -11.31
N LYS A 59 -8.40 11.91 -11.57
CA LYS A 59 -8.99 10.74 -10.94
C LYS A 59 -8.86 10.74 -9.43
N PHE A 60 -7.84 11.41 -8.90
CA PHE A 60 -7.70 11.60 -7.50
C PHE A 60 -8.25 12.95 -7.03
N SER A 61 -8.87 13.72 -7.92
CA SER A 61 -9.27 15.12 -7.69
C SER A 61 -8.07 16.05 -7.45
N TYR A 62 -6.92 15.70 -8.00
CA TYR A 62 -5.78 16.58 -8.01
C TYR A 62 -5.80 17.35 -9.32
N THR A 63 -5.25 18.55 -9.29
CA THR A 63 -5.18 19.35 -10.50
C THR A 63 -3.74 19.63 -10.90
N LEU A 64 -3.40 19.32 -12.15
CA LEU A 64 -2.07 19.54 -12.68
C LEU A 64 -1.93 20.96 -13.18
N TYR A 65 -0.87 21.66 -12.79
CA TYR A 65 -0.59 23.01 -13.28
C TYR A 65 0.81 22.98 -13.87
N PRO A 66 0.91 22.61 -15.15
CA PRO A 66 2.21 22.60 -15.81
C PRO A 66 2.74 23.98 -16.10
N ILE A 67 4.04 24.18 -15.94
CA ILE A 67 4.67 25.45 -16.17
C ILE A 67 5.93 25.15 -16.96
N ARG A 68 5.95 25.56 -18.22
CA ARG A 68 7.11 25.31 -19.05
C ARG A 68 8.21 26.36 -18.84
N ALA A 69 9.40 25.94 -18.43
CA ALA A 69 10.53 26.87 -18.29
C ALA A 69 11.04 27.20 -19.69
N THR A 70 11.88 28.21 -19.87
CA THR A 70 12.42 28.45 -21.23
C THR A 70 13.88 28.88 -21.29
N ASP A 71 14.72 28.00 -21.84
CA ASP A 71 16.02 28.37 -22.43
C ASP A 71 17.02 28.90 -21.39
N PRO A 84 22.48 21.38 -15.28
CA PRO A 84 21.71 20.96 -14.10
C PRO A 84 20.25 21.50 -14.09
N LYS A 85 19.57 21.45 -15.24
CA LYS A 85 18.32 22.20 -15.45
C LYS A 85 17.39 22.21 -14.25
N GLU A 86 17.14 21.02 -13.68
CA GLU A 86 16.10 20.85 -12.67
C GLU A 86 16.46 21.50 -11.34
N MSE A 87 17.76 21.54 -11.06
N MSE A 87 17.74 21.59 -10.96
CA MSE A 87 18.36 22.18 -9.88
CA MSE A 87 18.05 22.19 -9.66
C MSE A 87 17.86 23.61 -9.72
C MSE A 87 17.81 23.69 -9.66
O MSE A 87 17.43 24.02 -8.64
O MSE A 87 17.51 24.26 -8.60
CB MSE A 87 19.89 22.19 -10.09
CB MSE A 87 19.45 21.83 -9.15
CG MSE A 87 20.74 22.47 -8.85
CG MSE A 87 19.81 22.46 -7.77
SE MSE A 87 22.67 22.38 -9.24
SE MSE A 87 18.97 21.72 -6.15
CE MSE A 87 22.88 20.44 -9.41
CE MSE A 87 19.99 20.03 -6.00
N TYR A 88 17.91 24.36 -10.80
CA TYR A 88 17.49 25.78 -10.85
C TYR A 88 16.00 25.95 -10.62
N TYR A 89 15.21 25.03 -11.17
CA TYR A 89 13.77 25.18 -11.11
C TYR A 89 13.32 25.23 -9.63
N ARG A 90 13.85 24.33 -8.85
CA ARG A 90 13.52 24.17 -7.45
C ARG A 90 13.81 25.45 -6.62
N LEU A 91 15.04 25.92 -6.75
CA LEU A 91 15.54 27.07 -6.04
C LEU A 91 14.83 28.37 -6.42
N LEU A 92 14.51 28.49 -7.72
CA LEU A 92 13.85 29.67 -8.29
C LEU A 92 12.33 29.46 -8.42
N ALA A 93 11.78 28.50 -7.68
CA ALA A 93 10.33 28.22 -7.71
C ALA A 93 9.46 29.48 -7.62
N GLY A 94 9.82 30.38 -6.71
CA GLY A 94 9.13 31.65 -6.54
C GLY A 94 9.00 32.52 -7.79
N GLU A 95 9.84 32.30 -8.80
CA GLU A 95 9.74 33.05 -10.05
C GLU A 95 8.75 32.42 -11.03
N PHE A 96 8.49 31.12 -10.87
CA PHE A 96 7.63 30.40 -11.82
C PHE A 96 6.20 30.29 -11.33
N LEU A 97 6.01 30.26 -10.02
CA LEU A 97 4.71 29.97 -9.43
C LEU A 97 3.87 31.26 -9.28
N PRO A 98 2.55 31.13 -9.21
CA PRO A 98 1.76 32.34 -9.04
C PRO A 98 2.15 33.09 -7.75
N GLU A 99 2.02 34.40 -7.83
CA GLU A 99 2.46 35.32 -6.80
C GLU A 99 1.61 35.26 -5.57
N ASN A 100 0.38 34.82 -5.70
CA ASN A 100 -0.48 34.71 -4.53
C ASN A 100 -0.37 33.36 -3.80
N LEU A 101 0.53 32.46 -4.22
CA LEU A 101 0.68 31.19 -3.49
C LEU A 101 1.68 31.41 -2.38
N GLY A 102 1.34 31.03 -1.16
CA GLY A 102 2.19 31.30 0.00
C GLY A 102 3.21 30.22 0.33
N GLU A 103 2.88 28.97 0.03
CA GLU A 103 3.64 27.84 0.45
C GLU A 103 3.49 26.68 -0.57
N ILE A 104 4.51 25.84 -0.70
CA ILE A 104 4.45 24.69 -1.61
C ILE A 104 5.42 23.63 -1.10
N LEU A 105 5.06 22.37 -1.32
CA LEU A 105 5.86 21.24 -0.92
C LEU A 105 6.52 20.62 -2.17
N TYR A 106 7.85 20.80 -2.31
CA TYR A 106 8.64 20.28 -3.38
C TYR A 106 8.98 18.80 -3.04
N LEU A 107 8.80 17.91 -4.00
CA LEU A 107 9.14 16.51 -3.83
C LEU A 107 9.90 16.02 -5.05
N ASP A 108 10.99 15.28 -4.83
CA ASP A 108 11.62 14.45 -5.88
C ASP A 108 10.65 13.32 -6.30
N PRO A 109 10.67 12.92 -7.57
CA PRO A 109 9.75 11.88 -8.05
C PRO A 109 10.10 10.44 -7.61
N ASP A 110 11.33 10.21 -7.18
CA ASP A 110 11.79 8.88 -6.76
C ASP A 110 11.52 8.61 -5.25
N MSE A 111 10.30 8.92 -4.82
CA MSE A 111 9.93 8.88 -3.42
C MSE A 111 8.62 8.14 -3.31
O MSE A 111 7.92 7.92 -4.30
CB MSE A 111 9.86 10.30 -2.83
CG MSE A 111 11.29 11.04 -2.56
SE MSE A 111 10.99 12.86 -1.94
CE MSE A 111 12.65 13.01 -0.92
N LEU A 112 8.27 7.78 -2.08
CA LEU A 112 7.00 7.16 -1.80
C LEU A 112 6.56 7.75 -0.49
N VAL A 113 5.33 8.21 -0.47
CA VAL A 113 4.69 8.74 0.75
C VAL A 113 3.93 7.60 1.38
N ILE A 114 4.19 7.30 2.65
CA ILE A 114 3.66 6.13 3.30
C ILE A 114 2.87 6.42 4.57
N ASN A 115 2.58 7.68 4.82
CA ASN A 115 1.86 8.17 5.99
C ASN A 115 1.34 9.53 5.69
N PRO A 116 0.39 10.05 6.51
CA PRO A 116 -0.22 11.31 6.21
C PRO A 116 0.78 12.48 6.24
N LEU A 117 0.53 13.45 5.35
CA LEU A 117 1.37 14.62 5.26
C LEU A 117 0.87 15.77 6.17
N ASP A 118 -0.24 15.59 6.91
CA ASP A 118 -0.82 16.68 7.75
CA ASP A 118 -0.80 16.69 7.69
C ASP A 118 0.19 17.33 8.68
N ASP A 119 0.92 16.55 9.47
CA ASP A 119 1.89 17.17 10.39
C ASP A 119 2.87 18.07 9.62
N LEU A 120 3.40 17.59 8.51
CA LEU A 120 4.40 18.36 7.77
C LEU A 120 3.78 19.64 7.30
N LEU A 121 2.59 19.55 6.71
CA LEU A 121 1.97 20.71 6.08
C LEU A 121 1.56 21.77 7.12
N ARG A 122 1.40 21.37 8.36
CA ARG A 122 1.12 22.34 9.43
C ARG A 122 2.38 22.89 10.12
N THR A 123 3.58 22.54 9.64
CA THR A 123 4.81 23.05 10.26
C THR A 123 4.85 24.57 10.13
N ASP A 124 5.15 25.25 11.21
CA ASP A 124 5.15 26.71 11.18
C ASP A 124 6.49 27.10 10.62
N ILE A 125 6.55 27.49 9.38
CA ILE A 125 7.78 27.96 8.78
C ILE A 125 7.67 29.45 8.45
N SER A 126 6.79 30.15 9.14
CA SER A 126 6.56 31.56 8.81
C SER A 126 7.84 32.40 8.93
N ASP A 127 8.79 31.98 9.78
CA ASP A 127 10.01 32.72 9.94
C ASP A 127 11.24 32.21 9.16
N TYR A 128 11.03 31.28 8.22
CA TYR A 128 12.12 30.64 7.47
C TYR A 128 11.88 30.72 5.97
N ILE A 129 12.91 30.48 5.15
CA ILE A 129 12.70 30.33 3.71
C ILE A 129 12.04 28.98 3.36
N LEU A 130 12.53 27.93 3.98
CA LEU A 130 11.98 26.60 3.80
C LEU A 130 12.35 25.65 4.93
N ALA A 131 11.71 24.48 4.93
CA ALA A 131 12.08 23.34 5.81
C ALA A 131 12.64 22.22 4.93
N ALA A 132 13.70 21.57 5.41
CA ALA A 132 14.36 20.50 4.72
C ALA A 132 14.93 19.52 5.73
N ALA A 133 15.10 18.29 5.28
CA ALA A 133 15.66 17.25 6.13
C ALA A 133 17.17 17.28 6.05
N SER A 134 17.85 17.11 7.17
CA SER A 134 19.31 16.91 7.14
C SER A 134 19.63 15.41 7.05
N HIS A 135 20.59 15.01 6.20
CA HIS A 135 21.04 13.59 6.11
C HIS A 135 22.21 13.36 7.03
N TYR A 156 24.51 19.06 6.71
CA TYR A 156 23.87 19.60 5.52
C TYR A 156 22.42 19.09 5.26
N TYR A 157 21.67 19.90 4.55
CA TYR A 157 20.28 19.61 4.15
C TYR A 157 20.18 18.88 2.81
N ASN A 158 19.31 17.86 2.72
CA ASN A 158 19.02 17.22 1.40
C ASN A 158 17.92 18.03 0.73
N SER A 159 17.99 18.13 -0.60
CA SER A 159 17.05 18.96 -1.37
C SER A 159 15.93 18.14 -2.03
N GLY A 160 15.81 16.86 -1.68
CA GLY A 160 14.74 16.00 -2.18
C GLY A 160 13.31 16.29 -1.65
N LEU A 161 13.22 16.98 -0.53
CA LEU A 161 11.94 17.40 -0.02
C LEU A 161 12.16 18.76 0.63
N LEU A 162 11.35 19.73 0.18
CA LEU A 162 11.47 21.10 0.66
C LEU A 162 10.09 21.65 0.85
N LEU A 163 9.79 22.08 2.09
CA LEU A 163 8.56 22.80 2.33
C LEU A 163 8.93 24.26 2.26
N ILE A 164 8.49 24.94 1.22
CA ILE A 164 8.95 26.25 0.85
C ILE A 164 7.96 27.33 1.25
N ASN A 165 8.48 28.33 1.97
CA ASN A 165 7.73 29.50 2.28
C ASN A 165 7.97 30.49 1.11
N LEU A 166 7.06 30.49 0.17
CA LEU A 166 7.22 31.29 -1.05
C LEU A 166 7.20 32.80 -0.78
N LYS A 167 6.43 33.25 0.20
CA LYS A 167 6.44 34.67 0.59
C LYS A 167 7.87 35.11 0.92
N ARG A 168 8.62 34.29 1.64
CA ARG A 168 10.00 34.65 1.96
C ARG A 168 10.98 34.32 0.84
N ALA A 169 10.80 33.19 0.12
CA ALA A 169 11.69 32.86 -1.01
C ALA A 169 11.65 33.99 -2.03
N ARG A 170 10.48 34.52 -2.36
CA ARG A 170 10.42 35.61 -3.34
C ARG A 170 11.22 36.86 -2.91
N GLU A 171 11.38 37.10 -1.60
CA GLU A 171 12.06 38.33 -1.17
C GLU A 171 13.53 38.03 -0.88
N GLU A 172 13.84 36.80 -0.47
CA GLU A 172 15.18 36.53 -0.01
C GLU A 172 16.07 35.88 -1.09
N ILE A 173 15.47 35.11 -2.02
CA ILE A 173 16.25 34.36 -3.01
C ILE A 173 16.25 35.14 -4.30
N ASP A 174 17.40 35.70 -4.66
CA ASP A 174 17.52 36.48 -5.91
C ASP A 174 18.22 35.68 -6.98
N PRO A 175 17.60 35.56 -8.15
CA PRO A 175 18.18 34.77 -9.23
C PRO A 175 19.67 35.05 -9.55
N ASP A 176 20.04 36.26 -9.91
CA ASP A 176 21.44 36.48 -10.34
C ASP A 176 22.41 36.16 -9.21
N GLU A 177 21.98 36.37 -7.98
CA GLU A 177 22.75 35.95 -6.80
C GLU A 177 23.10 34.44 -6.86
N ILE A 178 22.12 33.63 -7.24
CA ILE A 178 22.30 32.18 -7.38
C ILE A 178 23.23 31.83 -8.55
N PHE A 179 23.08 32.53 -9.67
CA PHE A 179 23.94 32.28 -10.83
C PHE A 179 25.40 32.69 -10.57
N SER A 180 25.62 33.85 -9.93
CA SER A 180 26.96 34.21 -9.46
C SER A 180 27.61 33.07 -8.68
N PHE A 181 26.89 32.49 -7.73
CA PHE A 181 27.41 31.39 -6.92
C PHE A 181 27.79 30.17 -7.76
N VAL A 182 26.86 29.68 -8.58
CA VAL A 182 27.10 28.52 -9.45
C VAL A 182 28.25 28.75 -10.45
N GLU A 183 28.41 29.99 -10.94
CA GLU A 183 29.47 30.30 -11.90
C GLU A 183 30.87 30.19 -11.33
N ASP A 184 31.01 30.28 -10.00
CA ASP A 184 32.31 30.26 -9.34
C ASP A 184 32.62 28.89 -8.72
N ASN A 185 31.62 28.29 -8.05
CA ASN A 185 31.75 26.97 -7.41
C ASN A 185 32.94 26.14 -7.91
N GLN A 194 21.42 20.23 -1.76
CA GLN A 194 22.24 21.01 -2.70
C GLN A 194 23.35 21.77 -1.94
N ASP A 195 24.46 22.05 -2.62
CA ASP A 195 25.49 22.90 -2.04
C ASP A 195 24.97 24.33 -2.01
N ILE A 196 24.23 24.74 -3.05
CA ILE A 196 23.65 26.10 -3.07
C ILE A 196 22.81 26.32 -1.84
N LEU A 197 21.87 25.40 -1.61
CA LEU A 197 20.91 25.48 -0.53
C LEU A 197 21.62 25.67 0.83
N ASN A 198 22.60 24.81 1.10
CA ASN A 198 23.34 24.86 2.35
C ASN A 198 24.26 26.08 2.46
N ALA A 199 25.02 26.34 1.39
CA ALA A 199 26.05 27.40 1.42
C ALA A 199 25.46 28.79 1.42
N MSE A 200 24.37 28.99 0.68
CA MSE A 200 23.79 30.32 0.61
C MSE A 200 22.71 30.53 1.67
O MSE A 200 22.68 31.62 2.27
CB MSE A 200 23.20 30.57 -0.78
CG MSE A 200 24.25 30.56 -1.90
SE MSE A 200 23.45 31.04 -3.61
CE MSE A 200 23.19 32.92 -3.22
N TYR A 201 21.84 29.52 1.91
CA TYR A 201 20.61 29.70 2.74
C TYR A 201 20.50 28.78 3.96
N GLY A 202 21.62 28.21 4.38
CA GLY A 202 21.67 27.26 5.50
C GLY A 202 21.16 27.82 6.81
N ASP A 203 21.41 29.09 7.04
CA ASP A 203 20.89 29.76 8.23
C ASP A 203 19.42 30.20 8.10
N ARG A 204 18.73 29.83 7.01
CA ARG A 204 17.31 30.18 6.86
C ARG A 204 16.39 28.96 6.70
N ILE A 205 16.87 27.79 7.16
CA ILE A 205 16.18 26.53 6.96
C ILE A 205 15.69 25.95 8.28
N TYR A 206 14.45 25.54 8.28
CA TYR A 206 13.88 24.84 9.40
C TYR A 206 14.21 23.33 9.25
N PRO A 207 14.99 22.77 10.19
CA PRO A 207 15.46 21.38 10.05
C PRO A 207 14.37 20.33 10.27
N LEU A 208 14.22 19.43 9.32
CA LEU A 208 13.33 18.28 9.50
C LEU A 208 14.17 17.03 9.80
N ASP A 209 13.56 16.04 10.44
CA ASP A 209 14.23 14.76 10.67
C ASP A 209 14.13 13.89 9.40
N ASP A 210 15.28 13.45 8.87
CA ASP A 210 15.31 12.61 7.71
C ASP A 210 14.71 11.23 7.94
N LEU A 211 14.74 10.77 9.18
CA LEU A 211 14.13 9.51 9.52
C LEU A 211 12.63 9.52 9.21
N ILE A 212 12.01 10.69 9.30
CA ILE A 212 10.60 10.86 9.02
C ILE A 212 10.34 11.39 7.62
N TYR A 213 11.10 12.41 7.21
CA TYR A 213 10.73 13.17 5.99
C TYR A 213 11.63 12.99 4.77
N ASN A 214 12.69 12.18 4.87
CA ASN A 214 13.58 11.96 3.70
C ASN A 214 14.42 10.75 4.02
N TYR A 215 13.76 9.62 4.22
CA TYR A 215 14.39 8.41 4.65
C TYR A 215 15.08 7.74 3.45
N ASP A 216 16.40 7.64 3.54
CA ASP A 216 17.23 7.07 2.49
C ASP A 216 17.08 5.57 2.55
N ALA A 217 16.30 5.06 1.61
CA ALA A 217 15.89 3.65 1.61
C ALA A 217 17.06 2.68 1.42
N ARG A 218 18.24 3.19 1.07
CA ARG A 218 19.41 2.34 0.99
C ARG A 218 19.95 1.98 2.37
N ASN A 219 19.59 2.74 3.40
CA ASN A 219 20.37 2.74 4.63
C ASN A 219 19.59 2.25 5.87
N TYR A 220 18.71 1.27 5.70
CA TYR A 220 18.00 0.66 6.85
C TYR A 220 18.89 0.43 8.09
N SER A 221 20.06 -0.17 7.91
CA SER A 221 20.94 -0.47 9.07
C SER A 221 21.47 0.73 9.84
N SER A 222 21.89 1.78 9.12
CA SER A 222 22.48 2.96 9.76
C SER A 222 21.44 3.63 10.60
N TYR A 223 20.24 3.79 10.06
CA TYR A 223 19.16 4.35 10.87
C TYR A 223 18.83 3.45 12.04
N LEU A 224 18.75 2.14 11.83
CA LEU A 224 18.43 1.22 12.93
C LEU A 224 19.46 1.42 14.05
N ILE A 225 20.75 1.32 13.73
CA ILE A 225 21.81 1.48 14.74
C ILE A 225 21.73 2.85 15.42
N ARG A 226 21.67 3.92 14.61
CA ARG A 226 21.65 5.28 15.16
C ARG A 226 20.41 5.52 16.05
N SER A 227 19.29 4.86 15.77
CA SER A 227 18.10 5.03 16.61
C SER A 227 18.13 4.13 17.89
N LYS A 228 19.26 3.50 18.16
CA LYS A 228 19.33 2.52 19.22
C LYS A 228 18.28 1.41 19.02
N LYS A 229 18.19 0.95 17.77
CA LYS A 229 17.31 -0.17 17.37
C LYS A 229 15.82 0.16 17.50
N GLN A 230 15.46 1.41 17.74
CA GLN A 230 14.06 1.78 17.75
C GLN A 230 13.46 1.75 16.32
N ALA A 231 14.23 2.16 15.30
CA ALA A 231 13.66 2.37 13.95
C ALA A 231 13.68 1.11 13.10
N ASP A 232 12.94 0.10 13.53
CA ASP A 232 12.80 -1.13 12.76
C ASP A 232 11.58 -0.94 11.89
N LEU A 233 11.25 -1.94 11.06
CA LEU A 233 10.19 -1.77 10.07
C LEU A 233 8.89 -1.42 10.71
N ALA A 234 8.56 -2.07 11.83
CA ALA A 234 7.26 -1.79 12.50
C ALA A 234 7.19 -0.26 12.88
N TRP A 235 8.24 0.25 13.50
CA TRP A 235 8.30 1.67 13.84
C TRP A 235 8.27 2.59 12.61
N LEU A 236 9.03 2.26 11.58
CA LEU A 236 9.07 3.04 10.33
C LEU A 236 7.70 3.11 9.68
N MSE A 237 7.00 1.99 9.60
CA MSE A 237 5.66 2.03 9.00
C MSE A 237 4.62 2.85 9.79
O MSE A 237 3.64 3.35 9.25
CB MSE A 237 5.17 0.62 8.64
CG MSE A 237 6.06 -0.13 7.61
SE MSE A 237 6.39 0.77 5.93
CE MSE A 237 8.30 1.27 6.23
N ASP A 238 4.83 3.00 11.08
CA ASP A 238 4.02 3.90 11.86
C ASP A 238 4.43 5.35 11.81
N HIS A 239 5.70 5.67 11.57
CA HIS A 239 6.18 7.06 11.75
C HIS A 239 6.77 7.68 10.53
N THR A 240 7.47 6.93 9.67
CA THR A 240 8.10 7.55 8.51
C THR A 240 7.07 7.99 7.51
N VAL A 241 7.25 9.19 6.94
CA VAL A 241 6.27 9.73 6.02
C VAL A 241 6.78 9.61 4.58
N VAL A 242 8.06 9.85 4.36
CA VAL A 242 8.63 9.84 3.04
C VAL A 242 9.85 8.91 2.96
N LEU A 243 9.76 7.91 2.08
CA LEU A 243 10.88 7.09 1.64
C LEU A 243 11.51 7.63 0.37
N HIS A 244 12.83 7.81 0.38
CA HIS A 244 13.55 8.33 -0.76
C HIS A 244 14.47 7.22 -1.29
N PHE A 245 14.20 6.81 -2.51
CA PHE A 245 15.03 5.86 -3.26
C PHE A 245 16.17 6.57 -4.02
N CYS A 246 17.13 7.04 -3.23
CA CYS A 246 18.36 7.73 -3.63
C CYS A 246 19.34 6.85 -4.42
N GLY A 247 20.10 7.47 -5.31
CA GLY A 247 21.23 6.81 -5.97
C GLY A 247 20.76 5.98 -7.14
N ARG A 248 21.68 5.16 -7.65
CA ARG A 248 21.48 4.41 -8.89
C ARG A 248 20.51 3.23 -8.76
N ASP A 249 20.48 2.62 -7.57
CA ASP A 249 19.66 1.43 -7.33
C ASP A 249 18.18 1.79 -7.05
N LYS A 250 17.43 1.98 -8.13
CA LYS A 250 16.03 2.38 -8.08
C LYS A 250 15.11 1.14 -8.00
N PRO A 251 14.04 1.22 -7.18
CA PRO A 251 13.13 0.10 -6.94
C PRO A 251 12.20 -0.26 -8.10
N TRP A 252 12.09 0.58 -9.12
CA TRP A 252 11.44 0.18 -10.38
C TRP A 252 12.31 -0.62 -11.34
N LYS A 253 13.57 -0.81 -10.99
CA LYS A 253 14.44 -1.64 -11.82
C LYS A 253 14.45 -3.07 -11.32
N LYS A 254 14.95 -3.92 -12.21
CA LYS A 254 14.76 -5.36 -12.11
C LYS A 254 15.50 -5.95 -10.90
N ASN A 255 16.69 -5.45 -10.58
CA ASN A 255 17.54 -6.05 -9.56
C ASN A 255 17.46 -5.39 -8.17
N HIS A 256 16.60 -4.40 -7.99
CA HIS A 256 16.43 -3.81 -6.64
C HIS A 256 16.14 -4.88 -5.62
N ARG A 257 16.83 -4.85 -4.47
CA ARG A 257 16.61 -5.84 -3.41
C ARG A 257 16.94 -5.29 -2.04
N ASN A 258 15.90 -4.85 -1.33
CA ASN A 258 16.03 -4.60 0.07
C ASN A 258 14.67 -4.72 0.76
N LYS A 259 14.59 -4.27 1.99
CA LYS A 259 13.38 -4.44 2.79
C LYS A 259 12.16 -3.75 2.17
N PHE A 260 12.41 -2.72 1.39
CA PHE A 260 11.36 -1.89 0.84
C PHE A 260 10.90 -2.20 -0.59
N THR A 261 11.56 -3.14 -1.25
CA THR A 261 11.27 -3.46 -2.66
C THR A 261 9.81 -3.92 -2.83
N SER A 262 9.35 -4.86 -2.02
CA SER A 262 7.98 -5.35 -2.18
C SER A 262 6.94 -4.22 -2.06
N LEU A 263 7.20 -3.32 -1.12
CA LEU A 263 6.34 -2.18 -0.89
C LEU A 263 6.28 -1.26 -2.09
N TYR A 264 7.45 -0.94 -2.67
CA TYR A 264 7.49 -0.05 -3.85
C TYR A 264 6.84 -0.74 -5.05
N LYS A 265 7.15 -2.01 -5.29
CA LYS A 265 6.56 -2.72 -6.44
C LYS A 265 5.00 -2.82 -6.29
N HIS A 266 4.54 -2.95 -5.05
CA HIS A 266 3.10 -2.97 -4.78
C HIS A 266 2.47 -1.64 -5.16
N TYR A 267 3.12 -0.52 -4.82
CA TYR A 267 2.61 0.80 -5.28
C TYR A 267 2.68 1.01 -6.78
N MSE A 268 3.66 0.41 -7.42
CA MSE A 268 3.69 0.39 -8.85
C MSE A 268 2.44 -0.30 -9.45
O MSE A 268 1.84 0.22 -10.40
CB MSE A 268 4.95 -0.30 -9.39
CG MSE A 268 6.21 0.51 -9.27
SE MSE A 268 7.78 -0.54 -9.77
CE MSE A 268 7.71 -0.27 -11.74
N SER A 269 2.06 -1.45 -8.92
CA SER A 269 0.82 -2.15 -9.34
C SER A 269 -0.42 -1.32 -9.02
N LEU A 270 -0.47 -0.76 -7.80
CA LEU A 270 -1.61 0.09 -7.40
C LEU A 270 -1.79 1.25 -8.36
N THR A 271 -0.68 1.87 -8.75
CA THR A 271 -0.70 2.98 -9.68
C THR A 271 -1.27 2.57 -11.04
N LYS A 272 -0.83 1.45 -11.57
CA LYS A 272 -1.35 0.96 -12.86
C LYS A 272 -2.85 0.70 -12.78
N ARG A 273 -3.32 0.20 -11.65
CA ARG A 273 -4.73 -0.13 -11.49
C ARG A 273 -5.56 1.14 -11.18
N TYR A 274 -5.10 1.97 -10.26
CA TYR A 274 -5.81 3.20 -9.95
C TYR A 274 -5.82 4.21 -11.12
N LEU A 275 -4.76 4.28 -11.90
CA LEU A 275 -4.72 5.31 -12.97
C LEU A 275 -4.97 4.69 -14.34
N ALA A 276 -5.57 3.49 -14.35
CA ALA A 276 -5.85 2.73 -15.58
C ALA A 276 -6.60 3.64 -16.51
N ALA B 5 -24.61 -8.37 -3.11
CA ALA B 5 -23.12 -8.33 -3.21
C ALA B 5 -22.46 -9.69 -3.00
N ASP B 6 -21.15 -9.66 -3.14
CA ASP B 6 -20.35 -10.80 -2.87
C ASP B 6 -20.24 -11.04 -1.37
N ALA B 7 -20.05 -12.29 -1.00
CA ALA B 7 -19.99 -12.69 0.39
C ALA B 7 -18.63 -13.28 0.77
N LEU B 8 -18.15 -12.87 1.94
CA LEU B 8 -16.91 -13.38 2.49
C LEU B 8 -17.21 -14.10 3.80
N LEU B 9 -16.39 -15.09 4.13
CA LEU B 9 -16.55 -15.83 5.38
C LEU B 9 -15.24 -15.87 6.14
N LEU B 10 -15.29 -15.60 7.45
CA LEU B 10 -14.20 -15.81 8.36
C LEU B 10 -14.70 -16.61 9.55
N THR B 11 -13.82 -17.40 10.14
CA THR B 11 -14.17 -18.23 11.29
C THR B 11 -13.04 -17.99 12.26
N LEU B 12 -13.28 -17.24 13.32
CA LEU B 12 -12.18 -16.87 14.21
C LEU B 12 -12.74 -16.41 15.54
N ASP B 13 -11.86 -16.33 16.55
CA ASP B 13 -12.21 -15.77 17.83
C ASP B 13 -11.56 -14.38 18.00
N GLU B 14 -11.85 -13.79 19.15
CA GLU B 14 -11.51 -12.43 19.51
C GLU B 14 -10.07 -12.04 19.18
N ASN B 15 -9.16 -12.95 19.51
CA ASN B 15 -7.75 -12.63 19.37
CA ASN B 15 -7.72 -12.80 19.33
C ASN B 15 -7.30 -12.48 17.89
N TYR B 16 -8.11 -12.91 16.92
CA TYR B 16 -7.72 -12.71 15.51
C TYR B 16 -8.38 -11.50 14.83
N ILE B 17 -9.18 -10.75 15.58
CA ILE B 17 -9.86 -9.57 15.02
C ILE B 17 -8.90 -8.51 14.45
N PRO B 18 -7.81 -8.18 15.17
CA PRO B 18 -6.87 -7.26 14.58
C PRO B 18 -6.35 -7.68 13.18
N GLN B 19 -6.03 -8.95 13.01
CA GLN B 19 -5.58 -9.43 11.67
C GLN B 19 -6.71 -9.38 10.65
N MSE B 20 -7.94 -9.71 11.09
CA MSE B 20 -9.07 -9.62 10.18
C MSE B 20 -9.26 -8.20 9.64
O MSE B 20 -9.61 -8.00 8.48
CB MSE B 20 -10.34 -10.09 10.90
CG MSE B 20 -11.62 -9.83 10.12
SE MSE B 20 -13.22 -10.56 11.03
CE MSE B 20 -14.45 -9.66 9.82
N LYS B 21 -9.10 -7.21 10.49
CA LYS B 21 -9.21 -5.80 10.04
C LYS B 21 -8.13 -5.42 9.02
N VAL B 22 -6.92 -5.97 9.21
CA VAL B 22 -5.85 -5.76 8.24
C VAL B 22 -6.22 -6.42 6.92
N LEU B 23 -6.74 -7.66 6.95
CA LEU B 23 -7.20 -8.30 5.70
C LEU B 23 -8.29 -7.43 5.02
N MSE B 24 -9.28 -6.98 5.79
CA MSE B 24 -10.38 -6.17 5.22
C MSE B 24 -9.83 -4.85 4.62
O MSE B 24 -10.27 -4.44 3.58
CB MSE B 24 -11.44 -5.78 6.27
CG MSE B 24 -12.20 -6.94 6.92
SE MSE B 24 -13.25 -7.89 5.59
CE MSE B 24 -12.41 -9.63 5.74
N THR B 25 -8.90 -4.20 5.29
CA THR B 25 -8.26 -3.03 4.68
C THR B 25 -7.57 -3.33 3.35
N SER B 26 -6.88 -4.46 3.27
CA SER B 26 -6.21 -4.82 2.02
C SER B 26 -7.20 -5.09 0.92
N ILE B 27 -8.31 -5.76 1.26
CA ILE B 27 -9.38 -5.97 0.27
C ILE B 27 -9.95 -4.61 -0.23
N TYR B 28 -10.19 -3.69 0.70
CA TYR B 28 -10.77 -2.40 0.38
C TYR B 28 -9.86 -1.61 -0.57
N ILE B 29 -8.58 -1.48 -0.23
CA ILE B 29 -7.63 -0.76 -1.08
C ILE B 29 -7.47 -1.44 -2.47
N ASN B 30 -7.47 -2.76 -2.50
CA ASN B 30 -7.23 -3.47 -3.77
C ASN B 30 -8.48 -3.82 -4.56
N ASN B 31 -9.64 -3.44 -4.03
CA ASN B 31 -10.92 -3.61 -4.72
C ASN B 31 -11.77 -2.37 -4.61
N PRO B 32 -11.28 -1.23 -5.11
CA PRO B 32 -12.04 0.02 -4.90
C PRO B 32 -13.46 -0.05 -5.44
N GLY B 33 -14.42 0.55 -4.75
CA GLY B 33 -15.80 0.55 -5.24
C GLY B 33 -16.56 -0.74 -4.96
N ARG B 34 -15.90 -1.84 -4.55
CA ARG B 34 -16.63 -3.07 -4.31
C ARG B 34 -17.17 -3.16 -2.86
N ILE B 35 -18.33 -3.79 -2.72
CA ILE B 35 -19.05 -3.90 -1.46
C ILE B 35 -19.10 -5.39 -1.13
N PHE B 36 -18.99 -5.74 0.16
CA PHE B 36 -19.08 -7.14 0.59
C PHE B 36 -19.94 -7.29 1.83
N ASP B 37 -20.64 -8.41 1.89
CA ASP B 37 -21.22 -8.91 3.10
C ASP B 37 -20.17 -9.82 3.73
N VAL B 38 -19.93 -9.66 5.02
CA VAL B 38 -18.85 -10.35 5.69
C VAL B 38 -19.40 -11.19 6.83
N TYR B 39 -19.45 -12.50 6.62
CA TYR B 39 -19.98 -13.40 7.62
C TYR B 39 -18.86 -13.90 8.53
N LEU B 40 -19.15 -13.96 9.82
CA LEU B 40 -18.17 -14.29 10.81
C LEU B 40 -18.73 -15.32 11.74
N ILE B 41 -18.22 -16.54 11.64
CA ILE B 41 -18.61 -17.61 12.55
C ILE B 41 -17.60 -17.61 13.69
N HIS B 42 -18.11 -17.52 14.91
CA HIS B 42 -17.32 -17.40 16.12
C HIS B 42 -17.96 -18.15 17.26
N SER B 43 -17.16 -18.56 18.24
CA SER B 43 -17.67 -19.26 19.42
C SER B 43 -18.25 -18.28 20.39
N ARG B 44 -17.47 -17.31 20.86
CA ARG B 44 -18.03 -16.29 21.75
CA ARG B 44 -18.06 -16.26 21.71
C ARG B 44 -17.23 -14.98 21.81
N ILE B 45 -17.17 -14.26 20.70
CA ILE B 45 -16.74 -12.87 20.69
C ILE B 45 -17.87 -12.11 21.40
N SER B 46 -17.51 -11.15 22.25
CA SER B 46 -18.54 -10.39 22.98
C SER B 46 -19.34 -9.48 22.02
N GLU B 47 -20.55 -9.14 22.46
CA GLU B 47 -21.45 -8.22 21.75
C GLU B 47 -20.73 -6.91 21.49
N ASP B 48 -20.00 -6.40 22.49
CA ASP B 48 -19.30 -5.10 22.34
C ASP B 48 -18.23 -5.17 21.26
N LYS B 49 -17.47 -6.26 21.22
CA LYS B 49 -16.47 -6.35 20.17
C LYS B 49 -17.11 -6.53 18.79
N LEU B 50 -18.18 -7.31 18.68
CA LEU B 50 -18.92 -7.45 17.43
C LEU B 50 -19.47 -6.08 16.92
N LYS B 51 -20.03 -5.29 17.82
CA LYS B 51 -20.48 -3.92 17.52
C LYS B 51 -19.34 -3.01 17.03
N ASP B 52 -18.24 -2.98 17.76
CA ASP B 52 -17.03 -2.24 17.33
C ASP B 52 -16.63 -2.69 15.91
N LEU B 53 -16.54 -4.00 15.71
CA LEU B 53 -16.04 -4.50 14.42
C LEU B 53 -17.01 -4.14 13.28
N GLY B 54 -18.34 -4.28 13.52
CA GLY B 54 -19.36 -3.91 12.52
C GLY B 54 -19.35 -2.44 12.13
N GLU B 55 -19.17 -1.58 13.12
CA GLU B 55 -18.99 -0.13 12.90
C GLU B 55 -17.73 0.16 12.06
N ASP B 56 -16.63 -0.53 12.36
CA ASP B 56 -15.41 -0.35 11.56
C ASP B 56 -15.61 -0.79 10.10
N LEU B 57 -16.21 -1.96 9.89
CA LEU B 57 -16.46 -2.45 8.53
C LEU B 57 -17.35 -1.52 7.69
N LYS B 58 -18.29 -0.83 8.34
CA LYS B 58 -19.17 0.11 7.67
C LYS B 58 -18.41 1.31 7.07
N LYS B 59 -17.24 1.62 7.61
CA LYS B 59 -16.38 2.64 7.02
C LYS B 59 -15.89 2.24 5.64
N PHE B 60 -15.83 0.93 5.38
CA PHE B 60 -15.57 0.45 4.03
C PHE B 60 -16.84 0.13 3.24
N SER B 61 -18.01 0.38 3.82
CA SER B 61 -19.32 -0.07 3.26
C SER B 61 -19.44 -1.58 3.17
N TYR B 62 -18.75 -2.28 4.06
CA TYR B 62 -18.98 -3.69 4.24
C TYR B 62 -19.99 -3.89 5.39
N THR B 63 -20.77 -4.97 5.32
CA THR B 63 -21.76 -5.25 6.33
C THR B 63 -21.35 -6.56 7.06
N LEU B 64 -21.19 -6.48 8.38
CA LEU B 64 -20.81 -7.65 9.19
C LEU B 64 -22.02 -8.47 9.61
N TYR B 65 -21.98 -9.78 9.42
CA TYR B 65 -23.04 -10.71 9.81
C TYR B 65 -22.41 -11.79 10.72
N PRO B 66 -22.38 -11.54 12.02
CA PRO B 66 -21.89 -12.53 13.00
C PRO B 66 -22.83 -13.71 13.19
N ILE B 67 -22.27 -14.88 13.32
CA ILE B 67 -23.04 -16.08 13.55
C ILE B 67 -22.36 -16.83 14.68
N ARG B 68 -23.05 -16.97 15.80
CA ARG B 68 -22.47 -17.61 16.95
C ARG B 68 -22.71 -19.11 16.80
N ALA B 69 -21.65 -19.89 16.78
CA ALA B 69 -21.81 -21.35 16.86
C ALA B 69 -22.05 -21.71 18.34
N THR B 70 -23.27 -22.13 18.65
CA THR B 70 -23.67 -22.42 20.04
C THR B 70 -23.76 -23.93 20.22
N LYS B 85 -12.20 -26.32 16.88
CA LYS B 85 -13.43 -25.54 16.81
C LYS B 85 -13.61 -25.00 15.40
N GLU B 86 -12.64 -24.23 14.93
CA GLU B 86 -12.77 -23.40 13.70
C GLU B 86 -12.38 -24.15 12.41
N MSE B 87 -11.70 -25.29 12.55
CA MSE B 87 -11.34 -26.14 11.42
C MSE B 87 -12.61 -26.76 10.84
O MSE B 87 -12.76 -26.94 9.62
CB MSE B 87 -10.38 -27.24 11.86
N TYR B 88 -13.53 -27.09 11.72
CA TYR B 88 -14.81 -27.61 11.31
C TYR B 88 -15.60 -26.52 10.64
N TYR B 89 -15.70 -25.37 11.32
CA TYR B 89 -16.60 -24.31 10.90
C TYR B 89 -16.49 -24.05 9.40
N ARG B 90 -15.27 -23.99 8.88
CA ARG B 90 -15.09 -23.68 7.47
C ARG B 90 -15.61 -24.84 6.58
N LEU B 91 -15.47 -26.07 7.03
CA LEU B 91 -15.92 -27.27 6.28
C LEU B 91 -17.44 -27.48 6.36
N LEU B 92 -18.03 -27.09 7.49
CA LEU B 92 -19.48 -27.16 7.68
C LEU B 92 -20.14 -25.79 7.50
N ALA B 93 -19.56 -24.94 6.65
CA ALA B 93 -20.13 -23.61 6.39
C ALA B 93 -21.57 -23.71 5.93
N GLY B 94 -21.89 -24.71 5.11
CA GLY B 94 -23.27 -24.95 4.67
C GLY B 94 -24.28 -25.02 5.79
N GLU B 95 -23.85 -25.59 6.93
CA GLU B 95 -24.73 -25.74 8.11
C GLU B 95 -24.95 -24.41 8.78
N PHE B 96 -23.95 -23.55 8.79
CA PHE B 96 -24.03 -22.32 9.57
C PHE B 96 -24.64 -21.14 8.83
N LEU B 97 -24.52 -21.11 7.52
CA LEU B 97 -24.83 -19.95 6.73
C LEU B 97 -26.26 -20.01 6.27
N PRO B 98 -26.84 -18.86 5.88
CA PRO B 98 -28.22 -18.91 5.47
C PRO B 98 -28.38 -19.74 4.22
N GLU B 99 -29.58 -20.28 4.06
CA GLU B 99 -29.93 -21.23 3.00
C GLU B 99 -30.14 -20.50 1.67
N ASN B 100 -30.39 -19.20 1.71
CA ASN B 100 -30.56 -18.43 0.48
C ASN B 100 -29.20 -18.02 -0.16
N LEU B 101 -28.11 -18.15 0.59
CA LEU B 101 -26.79 -17.87 0.07
C LEU B 101 -26.26 -19.03 -0.78
N GLY B 102 -25.86 -18.74 -2.01
CA GLY B 102 -25.35 -19.76 -2.92
C GLY B 102 -23.83 -19.92 -3.02
N GLU B 103 -23.10 -18.90 -2.62
CA GLU B 103 -21.67 -18.94 -2.79
C GLU B 103 -21.04 -18.04 -1.74
N ILE B 104 -19.82 -18.38 -1.29
CA ILE B 104 -19.09 -17.56 -0.34
C ILE B 104 -17.58 -17.81 -0.47
N LEU B 105 -16.78 -16.79 -0.23
CA LEU B 105 -15.34 -16.90 -0.25
C LEU B 105 -14.81 -16.91 1.18
N TYR B 106 -14.35 -18.08 1.62
CA TYR B 106 -13.74 -18.26 2.91
C TYR B 106 -12.27 -17.81 2.88
N LEU B 107 -11.85 -16.98 3.84
CA LEU B 107 -10.44 -16.51 3.97
C LEU B 107 -9.95 -16.68 5.38
N ASP B 108 -8.70 -17.13 5.55
CA ASP B 108 -8.04 -17.11 6.85
C ASP B 108 -7.70 -15.63 7.15
N PRO B 109 -7.67 -15.23 8.41
CA PRO B 109 -7.33 -13.86 8.74
C PRO B 109 -5.82 -13.51 8.67
N ASP B 110 -4.95 -14.51 8.57
CA ASP B 110 -3.52 -14.28 8.39
C ASP B 110 -3.09 -14.14 6.92
N MSE B 111 -3.90 -13.42 6.15
CA MSE B 111 -3.74 -13.24 4.71
C MSE B 111 -3.75 -11.77 4.38
O MSE B 111 -4.15 -10.93 5.21
CB MSE B 111 -4.86 -13.96 3.94
CG MSE B 111 -4.74 -15.51 4.02
SE MSE B 111 -6.15 -16.34 3.02
CE MSE B 111 -5.05 -17.73 2.35
N LEU B 112 -3.27 -11.43 3.19
CA LEU B 112 -3.35 -10.06 2.70
C LEU B 112 -3.77 -10.13 1.24
N VAL B 113 -4.77 -9.34 0.88
CA VAL B 113 -5.19 -9.27 -0.52
C VAL B 113 -4.47 -8.08 -1.16
N ILE B 114 -3.75 -8.32 -2.27
CA ILE B 114 -2.89 -7.32 -2.89
C ILE B 114 -3.20 -7.05 -4.37
N ASN B 115 -4.31 -7.59 -4.88
CA ASN B 115 -4.78 -7.35 -6.20
C ASN B 115 -6.30 -7.61 -6.23
N PRO B 116 -7.00 -7.21 -7.32
CA PRO B 116 -8.46 -7.37 -7.34
C PRO B 116 -8.92 -8.83 -7.27
N LEU B 117 -10.00 -9.05 -6.54
CA LEU B 117 -10.63 -10.37 -6.45
C LEU B 117 -11.61 -10.70 -7.58
N ASP B 118 -11.80 -9.78 -8.53
CA ASP B 118 -12.79 -9.96 -9.60
C ASP B 118 -12.76 -11.30 -10.33
N ASP B 119 -11.60 -11.69 -10.85
CA ASP B 119 -11.49 -12.92 -11.63
C ASP B 119 -11.83 -14.11 -10.77
N LEU B 120 -11.30 -14.14 -9.53
CA LEU B 120 -11.68 -15.23 -8.60
C LEU B 120 -13.20 -15.33 -8.40
N LEU B 121 -13.84 -14.18 -8.14
CA LEU B 121 -15.25 -14.17 -7.75
C LEU B 121 -16.17 -14.56 -8.94
N ARG B 122 -15.66 -14.40 -10.16
CA ARG B 122 -16.39 -14.80 -11.35
C ARG B 122 -16.14 -16.25 -11.79
N THR B 123 -15.23 -16.97 -11.14
CA THR B 123 -14.99 -18.35 -11.54
C THR B 123 -16.27 -19.20 -11.47
N ASP B 124 -16.56 -19.92 -12.56
CA ASP B 124 -17.72 -20.77 -12.62
C ASP B 124 -17.41 -22.09 -11.89
N ILE B 125 -18.01 -22.27 -10.74
CA ILE B 125 -17.84 -23.49 -9.95
C ILE B 125 -19.18 -24.22 -9.76
N SER B 126 -20.13 -24.00 -10.68
CA SER B 126 -21.37 -24.80 -10.77
C SER B 126 -21.24 -26.29 -10.51
N ASP B 127 -20.19 -26.87 -11.08
CA ASP B 127 -19.99 -28.29 -11.09
C ASP B 127 -19.15 -28.83 -9.94
N TYR B 128 -18.70 -27.96 -9.03
CA TYR B 128 -17.77 -28.35 -7.96
C TYR B 128 -18.31 -28.01 -6.58
N ILE B 129 -17.80 -28.66 -5.55
CA ILE B 129 -18.16 -28.29 -4.18
C ILE B 129 -17.48 -26.96 -3.80
N LEU B 130 -16.23 -26.78 -4.24
CA LEU B 130 -15.45 -25.58 -3.94
C LEU B 130 -14.22 -25.46 -4.85
N ALA B 131 -13.63 -24.27 -4.85
CA ALA B 131 -12.34 -24.04 -5.48
C ALA B 131 -11.30 -23.80 -4.36
N ALA B 132 -10.10 -24.36 -4.52
CA ALA B 132 -9.02 -24.20 -3.53
C ALA B 132 -7.64 -24.28 -4.24
N ALA B 133 -6.61 -23.72 -3.64
CA ALA B 133 -5.28 -23.71 -4.23
C ALA B 133 -4.53 -24.98 -3.89
N SER B 134 -3.84 -25.55 -4.86
CA SER B 134 -3.02 -26.76 -4.63
C SER B 134 -1.51 -26.49 -4.52
N HIS B 135 -0.81 -27.52 -4.03
CA HIS B 135 0.68 -27.61 -4.01
C HIS B 135 1.28 -26.77 -2.91
N ASP B 155 -1.14 -33.91 -5.24
CA ASP B 155 -1.72 -32.61 -5.58
C ASP B 155 -2.53 -32.04 -4.41
N TYR B 156 -1.83 -31.78 -3.30
CA TYR B 156 -2.43 -31.38 -2.01
C TYR B 156 -3.04 -29.96 -1.98
N TYR B 157 -4.15 -29.79 -1.25
CA TYR B 157 -4.90 -28.52 -1.16
C TYR B 157 -4.76 -27.78 0.18
N ASN B 158 -4.56 -26.47 0.15
CA ASN B 158 -4.62 -25.66 1.38
C ASN B 158 -6.04 -25.13 1.51
N SER B 159 -6.54 -25.10 2.73
CA SER B 159 -7.92 -24.73 2.96
C SER B 159 -8.04 -23.30 3.51
N GLY B 160 -6.96 -22.55 3.45
CA GLY B 160 -6.98 -21.16 3.84
C GLY B 160 -7.73 -20.20 2.94
N LEU B 161 -7.87 -20.57 1.65
CA LEU B 161 -8.83 -19.89 0.79
C LEU B 161 -9.78 -20.90 0.13
N LEU B 162 -11.07 -20.73 0.31
CA LEU B 162 -12.08 -21.66 -0.28
C LEU B 162 -13.18 -20.83 -0.92
N LEU B 163 -13.34 -20.95 -2.23
CA LEU B 163 -14.52 -20.37 -2.89
C LEU B 163 -15.55 -21.47 -2.94
N ILE B 164 -16.59 -21.37 -2.12
CA ILE B 164 -17.47 -22.48 -1.83
C ILE B 164 -18.80 -22.36 -2.55
N ASN B 165 -19.18 -23.40 -3.27
CA ASN B 165 -20.54 -23.53 -3.85
C ASN B 165 -21.41 -24.13 -2.77
N LEU B 166 -22.10 -23.26 -2.04
CA LEU B 166 -22.95 -23.66 -0.92
C LEU B 166 -24.12 -24.58 -1.32
N LYS B 167 -24.64 -24.43 -2.53
CA LYS B 167 -25.70 -25.34 -3.01
C LYS B 167 -25.19 -26.79 -2.99
N ARG B 168 -24.05 -27.04 -3.64
CA ARG B 168 -23.50 -28.39 -3.68
C ARG B 168 -22.92 -28.83 -2.33
N ALA B 169 -22.33 -27.90 -1.59
CA ALA B 169 -21.83 -28.20 -0.26
C ALA B 169 -22.98 -28.72 0.59
N ARG B 170 -24.12 -28.04 0.51
CA ARG B 170 -25.30 -28.47 1.27
C ARG B 170 -25.81 -29.84 0.86
N GLU B 171 -25.68 -30.20 -0.42
CA GLU B 171 -26.06 -31.53 -0.90
C GLU B 171 -25.06 -32.62 -0.58
N GLU B 172 -23.78 -32.32 -0.57
CA GLU B 172 -22.73 -33.35 -0.56
C GLU B 172 -21.89 -33.45 0.73
N ILE B 173 -22.00 -32.48 1.64
CA ILE B 173 -21.18 -32.54 2.86
C ILE B 173 -22.00 -32.85 4.11
N ASP B 174 -21.95 -34.12 4.53
CA ASP B 174 -22.60 -34.56 5.75
C ASP B 174 -21.72 -34.29 6.95
N PRO B 175 -22.26 -33.56 7.93
CA PRO B 175 -21.50 -33.44 9.17
C PRO B 175 -21.17 -34.81 9.76
N ASP B 176 -22.16 -35.70 9.79
CA ASP B 176 -22.01 -37.06 10.33
C ASP B 176 -20.74 -37.73 9.79
N GLU B 177 -20.52 -37.62 8.48
CA GLU B 177 -19.36 -38.23 7.85
C GLU B 177 -18.06 -37.63 8.36
N ILE B 178 -18.01 -36.30 8.39
CA ILE B 178 -16.83 -35.56 8.87
C ILE B 178 -16.47 -35.93 10.31
N PHE B 179 -17.47 -35.89 11.20
CA PHE B 179 -17.29 -36.16 12.63
C PHE B 179 -16.72 -37.55 12.92
N SER B 180 -17.29 -38.58 12.30
CA SER B 180 -16.77 -39.94 12.46
C SER B 180 -15.35 -40.06 11.89
N PHE B 181 -15.11 -39.39 10.76
CA PHE B 181 -13.80 -39.42 10.08
C PHE B 181 -12.67 -39.02 11.03
N VAL B 182 -12.86 -37.91 11.74
CA VAL B 182 -11.88 -37.42 12.72
C VAL B 182 -12.03 -38.16 14.06
N LEU B 191 -1.88 -34.36 11.93
CA LEU B 191 -2.74 -33.93 10.83
C LEU B 191 -3.52 -32.64 11.18
N PRO B 192 -3.36 -31.58 10.35
CA PRO B 192 -4.31 -30.44 10.32
C PRO B 192 -5.70 -30.80 9.72
N ASP B 193 -6.55 -29.79 9.49
CA ASP B 193 -7.91 -30.00 8.90
C ASP B 193 -7.89 -30.04 7.35
N GLN B 194 -6.81 -29.54 6.74
CA GLN B 194 -6.56 -29.74 5.31
C GLN B 194 -6.42 -31.23 4.97
N ASP B 195 -6.25 -32.08 5.99
CA ASP B 195 -6.38 -33.54 5.84
C ASP B 195 -7.85 -33.98 5.56
N ILE B 196 -8.81 -33.36 6.26
CA ILE B 196 -10.23 -33.64 6.03
C ILE B 196 -10.64 -33.24 4.61
N LEU B 197 -10.22 -32.03 4.18
CA LEU B 197 -10.47 -31.49 2.84
C LEU B 197 -10.03 -32.41 1.71
N ASN B 198 -8.77 -32.83 1.78
CA ASN B 198 -8.18 -33.68 0.78
C ASN B 198 -8.70 -35.11 0.80
N ALA B 199 -8.76 -35.70 1.99
CA ALA B 199 -9.24 -37.08 2.14
C ALA B 199 -10.64 -37.25 1.51
N MSE B 200 -11.58 -36.40 1.93
CA MSE B 200 -12.99 -36.59 1.63
C MSE B 200 -13.49 -36.03 0.30
O MSE B 200 -14.46 -36.55 -0.25
CB MSE B 200 -13.82 -36.02 2.79
CG MSE B 200 -13.79 -36.90 4.03
SE MSE B 200 -15.01 -36.29 5.43
CE MSE B 200 -15.84 -38.01 5.86
N TYR B 201 -12.87 -34.96 -0.22
CA TYR B 201 -13.44 -34.25 -1.37
C TYR B 201 -12.49 -33.85 -2.52
N GLY B 202 -11.26 -34.37 -2.55
CA GLY B 202 -10.29 -34.01 -3.62
C GLY B 202 -10.83 -34.03 -5.05
N ASP B 203 -11.73 -34.97 -5.31
CA ASP B 203 -12.39 -35.13 -6.62
C ASP B 203 -13.35 -34.00 -7.01
N ARG B 204 -13.88 -33.29 -6.01
CA ARG B 204 -14.96 -32.32 -6.20
C ARG B 204 -14.46 -30.85 -6.07
N ILE B 205 -13.16 -30.67 -6.22
CA ILE B 205 -12.48 -29.40 -6.02
C ILE B 205 -12.00 -28.85 -7.34
N TYR B 206 -12.35 -27.60 -7.63
CA TYR B 206 -11.81 -26.87 -8.77
C TYR B 206 -10.45 -26.29 -8.37
N PRO B 207 -9.37 -26.65 -9.10
CA PRO B 207 -8.02 -26.23 -8.67
C PRO B 207 -7.65 -24.81 -9.04
N LEU B 208 -7.11 -24.09 -8.05
CA LEU B 208 -6.58 -22.76 -8.25
C LEU B 208 -5.06 -22.83 -8.12
N ASP B 209 -4.37 -21.94 -8.80
CA ASP B 209 -2.92 -21.84 -8.68
C ASP B 209 -2.54 -21.10 -7.37
N ASP B 210 -1.79 -21.76 -6.49
CA ASP B 210 -1.35 -21.15 -5.22
C ASP B 210 -0.47 -19.89 -5.40
N LEU B 211 0.30 -19.85 -6.49
CA LEU B 211 1.09 -18.71 -6.84
C LEU B 211 0.27 -17.42 -6.95
N ILE B 212 -1.00 -17.53 -7.36
CA ILE B 212 -1.94 -16.41 -7.46
C ILE B 212 -2.87 -16.30 -6.23
N TYR B 213 -3.48 -17.41 -5.79
CA TYR B 213 -4.58 -17.35 -4.83
C TYR B 213 -4.29 -17.86 -3.40
N ASN B 214 -3.07 -18.29 -3.12
CA ASN B 214 -2.72 -18.75 -1.77
C ASN B 214 -1.19 -18.83 -1.68
N TYR B 215 -0.54 -17.71 -1.87
CA TYR B 215 0.89 -17.66 -1.94
C TYR B 215 1.49 -17.75 -0.56
N ASP B 216 2.23 -18.84 -0.33
CA ASP B 216 2.88 -19.07 0.95
C ASP B 216 4.03 -18.07 1.07
N ALA B 217 3.82 -17.03 1.87
CA ALA B 217 4.74 -15.93 2.01
C ALA B 217 6.10 -16.28 2.62
N ARG B 218 6.22 -17.45 3.25
CA ARG B 218 7.47 -17.94 3.75
C ARG B 218 8.42 -18.34 2.63
N ASN B 219 7.89 -18.57 1.42
CA ASN B 219 8.61 -19.38 0.44
C ASN B 219 8.93 -18.71 -0.87
N TYR B 220 9.26 -17.44 -0.80
CA TYR B 220 9.61 -16.72 -1.98
C TYR B 220 10.59 -17.44 -2.90
N SER B 221 11.71 -17.93 -2.35
CA SER B 221 12.76 -18.54 -3.14
C SER B 221 12.32 -19.80 -3.83
N SER B 222 11.52 -20.64 -3.16
CA SER B 222 11.03 -21.87 -3.79
C SER B 222 10.11 -21.57 -4.90
N TYR B 223 9.21 -20.60 -4.72
CA TYR B 223 8.35 -20.22 -5.85
C TYR B 223 9.18 -19.67 -7.00
N LEU B 224 10.18 -18.87 -6.66
CA LEU B 224 11.06 -18.30 -7.67
C LEU B 224 11.75 -19.41 -8.50
N ILE B 225 12.39 -20.36 -7.83
CA ILE B 225 12.99 -21.54 -8.46
C ILE B 225 11.95 -22.34 -9.26
N ARG B 226 10.83 -22.64 -8.64
CA ARG B 226 9.78 -23.44 -9.29
C ARG B 226 9.19 -22.75 -10.54
N SER B 227 9.11 -21.42 -10.55
CA SER B 227 8.64 -20.67 -11.74
C SER B 227 9.73 -20.39 -12.79
N LYS B 228 10.93 -20.96 -12.59
CA LYS B 228 12.12 -20.67 -13.42
C LYS B 228 12.51 -19.20 -13.44
N LYS B 229 12.40 -18.59 -12.27
CA LYS B 229 12.76 -17.21 -12.05
C LYS B 229 11.82 -16.20 -12.68
N GLN B 230 10.65 -16.64 -13.13
CA GLN B 230 9.65 -15.67 -13.54
C GLN B 230 8.98 -14.93 -12.32
N ALA B 231 8.76 -15.64 -11.20
CA ALA B 231 7.96 -15.10 -10.07
C ALA B 231 8.77 -14.26 -9.07
N ASP B 232 9.35 -13.17 -9.55
CA ASP B 232 10.08 -12.24 -8.70
C ASP B 232 9.10 -11.21 -8.22
N LEU B 233 9.56 -10.25 -7.42
CA LEU B 233 8.64 -9.34 -6.75
C LEU B 233 7.82 -8.50 -7.72
N ALA B 234 8.45 -7.99 -8.78
CA ALA B 234 7.73 -7.26 -9.84
C ALA B 234 6.56 -8.10 -10.37
N TRP B 235 6.84 -9.37 -10.68
CA TRP B 235 5.83 -10.23 -11.27
C TRP B 235 4.74 -10.52 -10.24
N LEU B 236 5.14 -10.83 -9.01
CA LEU B 236 4.15 -11.16 -8.00
C LEU B 236 3.22 -9.97 -7.79
N MSE B 237 3.77 -8.75 -7.74
CA MSE B 237 2.95 -7.61 -7.44
C MSE B 237 1.99 -7.28 -8.56
O MSE B 237 0.95 -6.70 -8.28
CB MSE B 237 3.76 -6.39 -7.02
CG MSE B 237 4.59 -6.63 -5.78
SE MSE B 237 3.53 -7.04 -4.16
CE MSE B 237 3.89 -8.95 -3.89
N ASP B 238 2.30 -7.69 -9.79
CA ASP B 238 1.34 -7.58 -10.88
C ASP B 238 0.32 -8.69 -11.01
N HIS B 239 0.54 -9.87 -10.44
CA HIS B 239 -0.35 -11.00 -10.65
C HIS B 239 -0.88 -11.73 -9.45
N THR B 240 -0.13 -11.82 -8.36
CA THR B 240 -0.58 -12.51 -7.19
C THR B 240 -1.72 -11.71 -6.52
N VAL B 241 -2.74 -12.42 -6.09
CA VAL B 241 -3.89 -11.82 -5.44
C VAL B 241 -3.89 -12.00 -3.91
N VAL B 242 -3.51 -13.18 -3.41
CA VAL B 242 -3.53 -13.50 -1.98
C VAL B 242 -2.18 -13.97 -1.45
N LEU B 243 -1.64 -13.24 -0.46
CA LEU B 243 -0.47 -13.66 0.33
C LEU B 243 -0.91 -14.31 1.64
N HIS B 244 -0.35 -15.48 1.95
CA HIS B 244 -0.77 -16.21 3.10
C HIS B 244 0.42 -16.37 4.00
N PHE B 245 0.33 -15.77 5.18
CA PHE B 245 1.39 -15.77 6.15
C PHE B 245 1.19 -16.94 7.09
N CYS B 246 1.56 -18.11 6.59
CA CYS B 246 1.46 -19.42 7.26
C CYS B 246 2.52 -19.60 8.34
N GLY B 247 2.30 -20.59 9.19
CA GLY B 247 3.25 -20.96 10.21
C GLY B 247 3.31 -20.00 11.38
N ARG B 248 4.25 -20.22 12.29
CA ARG B 248 4.29 -19.49 13.54
CA ARG B 248 4.30 -19.51 13.55
C ARG B 248 4.98 -18.13 13.45
N ASP B 249 5.69 -17.86 12.35
CA ASP B 249 6.38 -16.57 12.19
C ASP B 249 5.44 -15.56 11.48
N LYS B 250 4.62 -14.88 12.28
CA LYS B 250 3.53 -14.04 11.76
C LYS B 250 4.03 -12.61 11.58
N PRO B 251 3.57 -11.92 10.52
CA PRO B 251 4.16 -10.60 10.20
C PRO B 251 3.73 -9.45 11.12
N TRP B 252 2.77 -9.68 12.02
CA TRP B 252 2.45 -8.69 13.01
C TRP B 252 3.30 -8.84 14.22
N LYS B 253 4.13 -9.88 14.28
CA LYS B 253 5.07 -10.01 15.39
C LYS B 253 6.38 -9.25 15.14
N LYS B 254 7.04 -8.96 16.23
CA LYS B 254 8.24 -8.13 16.25
C LYS B 254 9.39 -8.59 15.34
N ASN B 255 9.63 -9.88 15.29
CA ASN B 255 10.84 -10.43 14.66
C ASN B 255 10.62 -10.92 13.24
N HIS B 256 9.47 -10.62 12.67
CA HIS B 256 9.20 -11.05 11.29
C HIS B 256 10.15 -10.36 10.32
N ARG B 257 10.74 -11.13 9.41
CA ARG B 257 11.80 -10.62 8.59
C ARG B 257 11.92 -11.44 7.30
N ASN B 258 11.19 -10.98 6.28
CA ASN B 258 11.38 -11.43 4.89
C ASN B 258 11.01 -10.32 3.91
N LYS B 259 10.96 -10.61 2.61
CA LYS B 259 10.69 -9.58 1.60
C LYS B 259 9.36 -8.90 1.76
N PHE B 260 8.39 -9.56 2.40
CA PHE B 260 7.03 -9.07 2.51
C PHE B 260 6.76 -8.31 3.81
N THR B 261 7.71 -8.24 4.72
CA THR B 261 7.47 -7.62 6.01
C THR B 261 7.05 -6.12 5.89
N SER B 262 7.80 -5.35 5.12
CA SER B 262 7.46 -3.96 5.01
C SER B 262 6.02 -3.77 4.50
N LEU B 263 5.65 -4.55 3.49
CA LEU B 263 4.32 -4.54 2.93
C LEU B 263 3.21 -4.83 3.98
N TYR B 264 3.39 -5.86 4.80
CA TYR B 264 2.37 -6.22 5.74
C TYR B 264 2.32 -5.14 6.82
N LYS B 265 3.47 -4.71 7.32
CA LYS B 265 3.48 -3.69 8.35
C LYS B 265 2.86 -2.38 7.85
N HIS B 266 3.06 -2.07 6.56
CA HIS B 266 2.42 -0.89 5.94
C HIS B 266 0.91 -1.07 5.95
N TYR B 267 0.41 -2.26 5.62
CA TYR B 267 -1.05 -2.49 5.77
C TYR B 267 -1.61 -2.42 7.20
N MSE B 268 -0.81 -2.78 8.18
CA MSE B 268 -1.18 -2.60 9.58
C MSE B 268 -1.36 -1.13 9.95
O MSE B 268 -2.30 -0.70 10.69
CB MSE B 268 -0.12 -3.21 10.48
CG MSE B 268 -0.10 -4.72 10.52
SE MSE B 268 1.48 -5.37 11.54
CE MSE B 268 0.84 -4.90 13.35
N SER B 269 -0.42 -0.31 9.48
CA SER B 269 -0.50 1.12 9.71
C SER B 269 -1.68 1.72 8.97
N LEU B 270 -1.88 1.29 7.73
CA LEU B 270 -3.03 1.78 7.00
C LEU B 270 -4.38 1.45 7.68
N THR B 271 -4.49 0.21 8.20
CA THR B 271 -5.69 -0.26 8.86
C THR B 271 -5.98 0.63 10.09
N LYS B 272 -4.97 0.91 10.89
CA LYS B 272 -5.16 1.78 12.08
C LYS B 272 -5.61 3.17 11.66
N ARG B 273 -5.06 3.69 10.57
CA ARG B 273 -5.51 5.01 10.13
C ARG B 273 -6.88 5.00 9.47
N TYR B 274 -7.13 4.08 8.57
CA TYR B 274 -8.40 4.05 7.88
C TYR B 274 -9.58 3.75 8.85
N LEU B 275 -9.38 2.93 9.88
CA LEU B 275 -10.45 2.54 10.81
C LEU B 275 -10.51 3.33 12.13
N ALA B 276 -9.66 4.35 12.28
CA ALA B 276 -9.60 5.17 13.52
C ALA B 276 -10.96 5.81 13.82
C1 EDO C . 6.42 17.44 12.18
O1 EDO C . 6.19 16.24 11.45
C2 EDO C . 7.43 18.31 11.42
O2 EDO C . 7.02 19.68 11.56
C1 EDO D . 2.16 23.35 0.97
O1 EDO D . 1.44 22.27 0.37
C2 EDO D . 1.44 23.72 2.27
O2 EDO D . 0.23 24.37 1.94
C1 CIT E . 17.22 -8.07 3.10
O1 CIT E . 17.58 -7.18 2.28
O2 CIT E . 16.81 -7.80 4.26
C2 CIT E . 17.27 -9.54 2.69
C3 CIT E . 15.92 -10.05 2.17
O7 CIT E . 16.15 -11.09 1.19
C4 CIT E . 15.06 -10.63 3.33
C5 CIT E . 15.39 -12.07 3.66
O3 CIT E . 14.70 -12.99 3.14
O4 CIT E . 16.34 -12.32 4.46
C6 CIT E . 15.19 -8.91 1.46
O5 CIT E . 14.42 -8.18 2.14
O6 CIT E . 15.39 -8.73 0.22
C1 EDO F . -8.34 23.21 -8.60
O1 EDO F . -7.06 23.79 -8.33
C2 EDO F . -8.98 22.74 -7.29
O2 EDO F . -9.27 23.84 -6.42
C1 EDO G . 4.54 -3.98 -10.24
O1 EDO G . 3.84 -3.19 -11.24
C2 EDO G . 5.93 -4.36 -10.69
O2 EDO G . 6.36 -3.59 -11.83
C1 EDO H . -18.51 -14.98 -3.26
O1 EDO H . -17.84 -13.80 -2.75
C2 EDO H . -19.79 -14.54 -3.94
O2 EDO H . -19.56 -14.52 -5.35
C1 EDO I . -2.49 -21.00 8.85
O1 EDO I . -2.84 -19.81 8.11
C2 EDO I . -1.25 -20.71 9.70
O2 EDO I . -0.27 -21.77 9.63
C1 EDO J . 0.43 -23.84 0.28
O1 EDO J . 0.97 -24.34 -0.95
C2 EDO J . -0.15 -22.47 0.02
O2 EDO J . -0.29 -21.82 1.29
#